data_5R69
#
_entry.id   5R69
#
_cell.length_a   45.600
_cell.length_b   47.440
_cell.length_c   58.450
_cell.angle_alpha   67.580
_cell.angle_beta   68.560
_cell.angle_gamma   69.020
#
_symmetry.space_group_name_H-M   'P 1'
#
loop_
_entity.id
_entity.type
_entity.pdbx_description
1 polymer 'YEATS domain-containing protein 4'
2 non-polymer 1,2-ETHANEDIOL
3 non-polymer ~{N}-(5-oxidanylidene-7,8-dihydro-6~{H}-naphthalen-2-yl)ethanamide
4 water water
#
_entity_poly.entity_id   1
_entity_poly.type   'polypeptide(L)'
_entity_poly.pdbx_seq_one_letter_code
;MGVTIVKPIVYGNVARYFGKKREEDGHTHQWTVYVKPYRNEDMSAYVKKIQFKLHESYGNPLRVVTKPPYEITETGWGEF
EIIIKIFFIDPNERPVTLYHLLKLFQSDTNAMLGKKTVVSEFYDEMIFQDPTAMMQQLLTTSRQLTLGAYKHETEFAELE
VKTREKLEAAKKKTAHHHHHH
;
_entity_poly.pdbx_strand_id   B,A
#
# COMPACT_ATOMS: atom_id res chain seq x y z
N GLY A 2 25.24 7.08 -26.33
CA GLY A 2 25.47 7.01 -24.86
C GLY A 2 24.56 5.99 -24.21
N VAL A 3 24.56 5.99 -22.89
CA VAL A 3 23.72 5.08 -22.06
C VAL A 3 22.79 5.96 -21.21
N THR A 4 21.50 5.70 -21.24
CA THR A 4 20.52 6.39 -20.36
C THR A 4 19.83 5.29 -19.55
N ILE A 5 19.87 5.41 -18.23
CA ILE A 5 19.16 4.48 -17.32
C ILE A 5 18.07 5.30 -16.67
N VAL A 6 16.82 4.94 -16.89
CA VAL A 6 15.63 5.59 -16.27
C VAL A 6 15.16 4.70 -15.12
N LYS A 7 15.07 5.25 -13.91
CA LYS A 7 14.52 4.57 -12.71
C LYS A 7 13.18 5.21 -12.37
N PRO A 8 12.06 4.62 -12.82
CA PRO A 8 10.77 5.19 -12.50
C PRO A 8 10.53 5.05 -11.00
N ILE A 9 9.94 6.09 -10.39
CA ILE A 9 9.54 6.09 -8.96
C ILE A 9 8.09 6.55 -8.80
N VAL A 10 7.51 6.26 -7.64
CA VAL A 10 6.25 6.90 -7.18
C VAL A 10 6.53 7.47 -5.79
N TYR A 11 5.98 8.65 -5.50
CA TYR A 11 6.20 9.32 -4.19
C TYR A 11 4.90 10.00 -3.79
N GLY A 12 4.82 10.29 -2.52
CA GLY A 12 3.70 11.03 -1.94
C GLY A 12 3.31 10.45 -0.61
N ASN A 13 2.02 10.26 -0.39
CA ASN A 13 1.58 9.94 0.98
C ASN A 13 0.23 9.26 0.97
N VAL A 14 0.01 8.46 2.00
CA VAL A 14 -1.32 7.95 2.34
C VAL A 14 -1.66 8.53 3.71
N ALA A 15 -2.94 8.60 4.04
CA ALA A 15 -3.42 9.12 5.33
C ALA A 15 -4.76 8.49 5.64
N ARG A 16 -5.02 8.35 6.94
CA ARG A 16 -6.29 7.84 7.53
C ARG A 16 -6.66 8.74 8.71
N TYR A 17 -7.88 9.26 8.68
CA TYR A 17 -8.53 9.99 9.81
C TYR A 17 -8.60 9.04 10.99
N PHE A 18 -8.25 9.51 12.19
CA PHE A 18 -8.30 8.73 13.45
C PHE A 18 -9.68 8.11 13.69
N GLY A 19 -10.74 8.80 13.30
CA GLY A 19 -12.14 8.48 13.67
C GLY A 19 -12.72 9.59 14.54
N LYS A 20 -11.92 10.02 15.52
CA LYS A 20 -12.19 11.24 16.32
C LYS A 20 -10.90 12.08 16.29
N LYS A 21 -10.95 13.29 16.83
CA LYS A 21 -9.75 14.10 17.13
C LYS A 21 -9.19 13.68 18.49
N ARG A 22 -7.87 13.48 18.60
CA ARG A 22 -7.15 13.05 19.83
C ARG A 22 -7.00 14.27 20.76
N GLU A 23 -7.80 14.32 21.84
CA GLU A 23 -7.89 15.52 22.72
C GLU A 23 -6.52 15.84 23.32
N GLU A 24 -5.69 14.83 23.60
CA GLU A 24 -4.31 15.03 24.11
C GLU A 24 -3.62 16.16 23.29
N ASP A 25 -3.39 15.96 21.99
CA ASP A 25 -2.58 16.88 21.15
C ASP A 25 -3.40 17.40 19.96
N GLY A 26 -4.67 17.04 19.84
CA GLY A 26 -5.53 17.46 18.71
C GLY A 26 -5.10 16.90 17.34
N HIS A 27 -4.21 15.90 17.25
CA HIS A 27 -3.90 15.20 15.97
C HIS A 27 -5.18 14.51 15.48
N THR A 28 -5.41 14.45 14.17
CA THR A 28 -6.64 13.85 13.59
C THR A 28 -6.32 12.72 12.61
N HIS A 29 -5.03 12.53 12.27
CA HIS A 29 -4.65 11.72 11.09
C HIS A 29 -3.32 11.04 11.39
N GLN A 30 -3.21 9.81 10.89
CA GLN A 30 -1.89 9.16 10.68
C GLN A 30 -1.55 9.33 9.21
N TRP A 31 -0.29 9.60 8.93
CA TRP A 31 0.16 9.63 7.52
C TRP A 31 1.54 8.97 7.39
N THR A 32 1.77 8.47 6.18
CA THR A 32 3.06 7.88 5.74
C THR A 32 3.39 8.52 4.41
N VAL A 33 4.52 9.18 4.37
CA VAL A 33 5.07 9.84 3.17
C VAL A 33 6.17 8.90 2.69
N TYR A 34 6.36 8.75 1.39
CA TYR A 34 7.22 7.66 0.88
C TYR A 34 7.69 7.99 -0.51
N VAL A 35 8.85 7.44 -0.83
CA VAL A 35 9.37 7.16 -2.20
C VAL A 35 9.44 5.63 -2.36
N LYS A 36 9.08 5.14 -3.53
CA LYS A 36 9.31 3.73 -3.86
C LYS A 36 9.50 3.60 -5.38
N PRO A 37 10.23 2.56 -5.78
CA PRO A 37 10.39 2.26 -7.20
C PRO A 37 9.03 1.82 -7.75
N TYR A 38 8.73 2.24 -8.99
CA TYR A 38 7.51 1.87 -9.74
C TYR A 38 7.35 0.34 -9.76
N ARG A 39 8.45 -0.39 -10.00
CA ARG A 39 8.48 -1.86 -10.04
C ARG A 39 9.37 -2.31 -8.89
N ASN A 40 9.14 -3.52 -8.45
CA ASN A 40 9.66 -4.07 -7.18
C ASN A 40 11.19 -4.18 -7.34
N GLU A 41 11.96 -3.42 -6.57
CA GLU A 41 13.45 -3.47 -6.57
C GLU A 41 13.98 -2.88 -5.25
N ASP A 42 15.18 -3.22 -4.84
CA ASP A 42 15.82 -2.62 -3.65
C ASP A 42 16.67 -1.42 -4.12
N MET A 43 16.21 -0.20 -3.85
CA MET A 43 16.86 1.04 -4.33
C MET A 43 18.17 1.23 -3.57
N SER A 44 18.41 0.53 -2.43
CA SER A 44 19.68 0.64 -1.66
C SER A 44 20.85 0.12 -2.48
N ALA A 45 20.58 -0.59 -3.57
CA ALA A 45 21.61 -0.95 -4.56
C ALA A 45 22.34 0.32 -5.00
N TYR A 46 21.61 1.44 -5.18
CA TYR A 46 22.23 2.63 -5.82
C TYR A 46 21.96 3.90 -5.02
N VAL A 47 21.04 3.85 -4.08
CA VAL A 47 20.65 5.01 -3.23
C VAL A 47 21.39 4.89 -1.90
N LYS A 48 22.11 5.95 -1.52
CA LYS A 48 22.84 6.09 -0.24
C LYS A 48 21.85 6.34 0.90
N LYS A 49 20.90 7.26 0.68
CA LYS A 49 19.94 7.73 1.70
C LYS A 49 18.84 8.60 1.06
N ILE A 50 17.70 8.69 1.73
CA ILE A 50 16.57 9.58 1.37
C ILE A 50 16.20 10.38 2.62
N GLN A 51 16.35 11.70 2.55
CA GLN A 51 15.86 12.68 3.55
C GLN A 51 14.42 13.08 3.26
N PHE A 52 13.60 13.16 4.31
CA PHE A 52 12.22 13.66 4.35
C PHE A 52 12.22 14.85 5.32
N LYS A 53 12.20 16.08 4.77
CA LYS A 53 12.18 17.33 5.56
C LYS A 53 10.73 17.68 5.86
N LEU A 54 10.39 17.62 7.14
CA LEU A 54 9.03 17.88 7.69
C LEU A 54 8.97 19.35 8.09
N HIS A 55 7.78 19.88 8.29
CA HIS A 55 7.53 21.14 9.03
C HIS A 55 8.42 21.13 10.27
N GLU A 56 9.16 22.22 10.51
CA GLU A 56 10.16 22.30 11.60
C GLU A 56 9.55 22.32 13.01
N SER A 57 8.23 22.28 13.16
N SER A 57 8.22 22.32 13.14
CA SER A 57 7.61 22.14 14.50
CA SER A 57 7.52 22.15 14.44
C SER A 57 7.33 20.65 14.81
C SER A 57 7.57 20.66 14.85
N TYR A 58 7.68 19.73 13.89
CA TYR A 58 7.91 18.29 14.23
C TYR A 58 9.29 18.20 14.90
N GLY A 59 9.41 17.34 15.91
CA GLY A 59 10.74 16.91 16.41
C GLY A 59 11.53 16.22 15.31
N ASN A 60 12.83 16.44 15.27
CA ASN A 60 13.71 15.70 14.32
C ASN A 60 13.11 15.89 12.92
N PRO A 61 12.92 17.16 12.48
CA PRO A 61 12.23 17.47 11.22
C PRO A 61 12.91 16.94 9.95
N LEU A 62 14.25 16.95 9.92
CA LEU A 62 15.05 16.27 8.86
C LEU A 62 15.20 14.79 9.21
N ARG A 63 14.32 13.93 8.69
CA ARG A 63 14.35 12.47 8.89
C ARG A 63 15.17 11.83 7.76
N VAL A 64 16.01 10.85 8.09
CA VAL A 64 16.85 10.10 7.12
C VAL A 64 16.43 8.63 7.14
N VAL A 65 16.27 8.02 5.98
CA VAL A 65 15.99 6.57 5.81
C VAL A 65 17.02 6.04 4.81
N THR A 66 17.76 5.02 5.20
CA THR A 66 18.89 4.45 4.40
C THR A 66 18.53 3.05 3.88
N LYS A 67 17.41 2.47 4.32
CA LYS A 67 16.96 1.09 3.99
C LYS A 67 15.49 1.13 3.61
N PRO A 68 15.05 0.38 2.57
CA PRO A 68 13.64 0.33 2.23
C PRO A 68 12.86 -0.30 3.37
N PRO A 69 11.54 -0.02 3.52
CA PRO A 69 10.85 1.00 2.75
C PRO A 69 11.32 2.41 3.14
N TYR A 70 11.41 3.27 2.15
CA TYR A 70 11.80 4.70 2.32
C TYR A 70 10.52 5.49 2.60
N GLU A 71 10.17 5.52 3.88
CA GLU A 71 8.92 6.15 4.34
C GLU A 71 9.10 6.63 5.76
N ILE A 72 8.29 7.63 6.12
CA ILE A 72 8.23 8.22 7.48
C ILE A 72 6.77 8.20 7.86
N THR A 73 6.42 7.66 9.03
CA THR A 73 5.02 7.66 9.47
C THR A 73 4.92 8.62 10.64
N GLU A 74 3.81 9.36 10.67
CA GLU A 74 3.58 10.42 11.66
C GLU A 74 2.09 10.59 11.83
N THR A 75 1.72 11.40 12.81
CA THR A 75 0.37 11.92 13.05
C THR A 75 0.42 13.47 12.98
N GLY A 76 -0.75 14.04 12.72
CA GLY A 76 -0.97 15.50 12.73
C GLY A 76 -2.40 15.82 12.38
N TRP A 77 -2.63 17.10 12.08
CA TRP A 77 -3.98 17.72 11.88
C TRP A 77 -3.92 18.62 10.66
N GLY A 78 -2.73 18.89 10.12
CA GLY A 78 -2.53 19.87 9.04
C GLY A 78 -1.65 19.39 7.90
N GLU A 79 -1.89 19.95 6.71
CA GLU A 79 -1.21 19.71 5.43
C GLU A 79 -0.12 20.76 5.21
N PHE A 80 1.07 20.34 4.77
CA PHE A 80 2.24 21.20 4.47
C PHE A 80 3.13 20.44 3.50
N GLU A 81 4.08 21.15 2.92
CA GLU A 81 5.01 20.55 1.94
C GLU A 81 6.07 19.78 2.71
N ILE A 82 6.36 18.57 2.24
CA ILE A 82 7.53 17.77 2.64
C ILE A 82 8.50 17.80 1.47
N ILE A 83 9.78 17.98 1.76
CA ILE A 83 10.85 17.89 0.74
C ILE A 83 11.53 16.52 0.85
N ILE A 84 11.62 15.81 -0.28
CA ILE A 84 12.20 14.45 -0.39
C ILE A 84 13.44 14.60 -1.24
N LYS A 85 14.57 14.21 -0.66
CA LYS A 85 15.85 14.36 -1.36
C LYS A 85 16.53 13.00 -1.36
N ILE A 86 16.80 12.50 -2.55
CA ILE A 86 17.37 11.16 -2.82
C ILE A 86 18.83 11.34 -3.19
N PHE A 87 19.73 10.83 -2.37
CA PHE A 87 21.20 10.89 -2.53
C PHE A 87 21.65 9.53 -3.05
N PHE A 88 22.59 9.53 -3.97
CA PHE A 88 23.07 8.31 -4.65
C PHE A 88 24.41 7.90 -4.04
N ILE A 89 24.73 6.62 -4.14
CA ILE A 89 26.02 6.04 -3.69
C ILE A 89 27.13 6.67 -4.52
N ASP A 90 26.86 6.96 -5.79
CA ASP A 90 27.83 7.65 -6.66
C ASP A 90 27.85 9.13 -6.30
N PRO A 91 28.97 9.65 -5.75
CA PRO A 91 29.02 11.03 -5.30
C PRO A 91 28.94 12.03 -6.46
N ASN A 92 29.10 11.57 -7.70
CA ASN A 92 29.07 12.46 -8.89
C ASN A 92 27.66 12.47 -9.50
N GLU A 93 26.69 11.75 -8.93
CA GLU A 93 25.29 11.79 -9.42
C GLU A 93 24.53 12.78 -8.54
N ARG A 94 24.00 13.82 -9.16
CA ARG A 94 23.23 14.91 -8.52
C ARG A 94 22.08 14.30 -7.74
N PRO A 95 21.90 14.66 -6.47
CA PRO A 95 20.70 14.27 -5.73
C PRO A 95 19.42 14.70 -6.46
N VAL A 96 18.35 13.95 -6.28
CA VAL A 96 17.02 14.28 -6.85
C VAL A 96 16.18 14.90 -5.72
N THR A 97 15.59 16.07 -5.98
CA THR A 97 14.76 16.79 -4.97
C THR A 97 13.33 16.72 -5.45
N LEU A 98 12.45 16.19 -4.60
CA LEU A 98 11.00 16.11 -4.87
C LEU A 98 10.28 16.95 -3.83
N TYR A 99 9.10 17.43 -4.19
CA TYR A 99 8.33 18.36 -3.33
C TYR A 99 6.91 17.86 -3.26
N HIS A 100 6.44 17.62 -2.06
CA HIS A 100 5.16 16.91 -1.93
C HIS A 100 4.31 17.64 -0.91
N LEU A 101 3.11 18.00 -1.31
CA LEU A 101 2.10 18.52 -0.36
C LEU A 101 1.36 17.35 0.27
N LEU A 102 1.58 17.20 1.57
CA LEU A 102 0.89 16.20 2.37
C LEU A 102 -0.61 16.38 2.15
N LYS A 103 -1.27 15.31 1.74
CA LYS A 103 -2.75 15.28 1.61
C LYS A 103 -3.32 14.48 2.79
N LEU A 104 -4.22 15.10 3.57
CA LEU A 104 -4.95 14.45 4.71
C LEU A 104 -6.43 14.32 4.38
N PHE A 105 -7.02 15.22 3.60
CA PHE A 105 -8.49 15.36 3.51
C PHE A 105 -8.97 15.17 2.06
N GLN A 106 -10.23 14.73 1.92
CA GLN A 106 -11.01 14.74 0.65
C GLN A 106 -10.13 15.28 -0.49
N LYS A 116 -12.23 5.24 3.88
CA LYS A 116 -11.50 5.34 2.57
C LYS A 116 -10.14 6.01 2.78
N THR A 117 -9.07 5.35 2.35
CA THR A 117 -7.68 5.86 2.54
C THR A 117 -7.49 7.07 1.62
N VAL A 118 -6.84 8.10 2.15
CA VAL A 118 -6.46 9.29 1.33
C VAL A 118 -5.09 8.99 0.74
N VAL A 119 -4.97 9.18 -0.55
CA VAL A 119 -3.68 8.93 -1.24
C VAL A 119 -3.45 10.09 -2.19
N SER A 120 -2.24 10.63 -2.17
CA SER A 120 -1.70 11.60 -3.15
C SER A 120 -0.34 11.07 -3.58
N GLU A 121 -0.27 10.48 -4.77
CA GLU A 121 1.02 9.89 -5.22
C GLU A 121 1.28 10.19 -6.69
N PHE A 122 2.54 10.45 -6.96
CA PHE A 122 3.00 11.06 -8.22
C PHE A 122 4.04 10.12 -8.82
N TYR A 123 4.01 9.99 -10.13
CA TYR A 123 5.02 9.22 -10.89
C TYR A 123 6.14 10.18 -11.27
N ASP A 124 7.38 9.71 -11.30
CA ASP A 124 8.52 10.49 -11.80
C ASP A 124 9.63 9.49 -12.14
N GLU A 125 10.70 9.99 -12.69
CA GLU A 125 11.74 9.17 -13.35
C GLU A 125 13.08 9.79 -12.98
N MET A 126 13.98 9.03 -12.40
CA MET A 126 15.35 9.49 -12.15
C MET A 126 16.15 9.03 -13.35
N ILE A 127 16.72 9.99 -14.05
CA ILE A 127 17.44 9.78 -15.33
C ILE A 127 18.92 9.84 -15.01
N PHE A 128 19.63 8.78 -15.33
CA PHE A 128 21.10 8.69 -15.19
C PHE A 128 21.65 8.68 -16.61
N GLN A 129 22.14 9.82 -17.08
CA GLN A 129 22.73 9.96 -18.43
C GLN A 129 24.23 9.66 -18.34
N ASP A 130 24.72 8.64 -19.06
CA ASP A 130 26.16 8.24 -19.09
C ASP A 130 26.75 8.14 -17.69
N PRO A 131 26.25 7.26 -16.81
CA PRO A 131 26.87 7.10 -15.49
C PRO A 131 28.12 6.24 -15.60
N THR A 132 29.05 6.38 -14.64
CA THR A 132 30.22 5.47 -14.53
C THR A 132 29.67 4.04 -14.70
N ALA A 133 30.47 3.15 -15.30
CA ALA A 133 30.20 1.70 -15.43
C ALA A 133 29.83 1.10 -14.07
N MET A 134 30.46 1.60 -13.01
CA MET A 134 30.28 1.04 -11.64
C MET A 134 28.84 1.35 -11.19
N MET A 135 28.45 2.61 -11.30
CA MET A 135 27.08 3.06 -10.95
C MET A 135 26.09 2.35 -11.89
N GLN A 136 26.49 2.11 -13.14
CA GLN A 136 25.64 1.42 -14.14
C GLN A 136 25.31 0.02 -13.61
N GLN A 137 26.33 -0.65 -13.04
CA GLN A 137 26.26 -1.97 -12.38
C GLN A 137 25.28 -1.89 -11.21
N LEU A 138 25.43 -0.91 -10.32
CA LEU A 138 24.47 -0.66 -9.20
C LEU A 138 23.06 -0.42 -9.73
N LEU A 139 22.88 0.29 -10.87
CA LEU A 139 21.50 0.66 -11.35
C LEU A 139 20.73 -0.54 -11.89
N THR A 140 21.39 -1.61 -12.34
CA THR A 140 20.71 -2.67 -13.16
C THR A 140 20.73 -4.03 -12.45
N GLY B 2 -21.91 -9.60 27.08
CA GLY B 2 -21.28 -10.52 26.13
C GLY B 2 -19.88 -10.08 25.78
N VAL B 3 -19.29 -10.77 24.82
CA VAL B 3 -17.92 -10.50 24.30
C VAL B 3 -18.07 -10.08 22.84
N THR B 4 -17.49 -8.94 22.49
CA THR B 4 -17.44 -8.42 21.08
C THR B 4 -15.97 -8.32 20.69
N ILE B 5 -15.56 -9.02 19.65
CA ILE B 5 -14.18 -8.88 19.10
C ILE B 5 -14.31 -8.20 17.73
N VAL B 6 -13.61 -7.08 17.57
CA VAL B 6 -13.62 -6.29 16.31
C VAL B 6 -12.27 -6.50 15.64
N LYS B 7 -12.29 -6.96 14.40
CA LYS B 7 -11.07 -7.12 13.57
C LYS B 7 -11.13 -6.08 12.46
N PRO B 8 -10.47 -4.93 12.61
CA PRO B 8 -10.47 -3.94 11.54
C PRO B 8 -9.69 -4.48 10.34
N ILE B 9 -10.20 -4.18 9.16
CA ILE B 9 -9.58 -4.59 7.87
C ILE B 9 -9.50 -3.37 6.96
N VAL B 10 -8.58 -3.40 6.01
CA VAL B 10 -8.70 -2.53 4.82
C VAL B 10 -8.73 -3.44 3.60
N TYR B 11 -9.49 -3.02 2.58
CA TYR B 11 -9.57 -3.75 1.30
C TYR B 11 -9.74 -2.77 0.15
N GLY B 12 -9.56 -3.32 -1.04
CA GLY B 12 -9.80 -2.62 -2.31
C GLY B 12 -8.73 -3.02 -3.27
N ASN B 13 -8.08 -2.06 -3.94
CA ASN B 13 -7.13 -2.43 -5.01
C ASN B 13 -6.16 -1.31 -5.25
N VAL B 14 -4.97 -1.69 -5.71
CA VAL B 14 -3.97 -0.77 -6.31
C VAL B 14 -3.90 -1.12 -7.79
N ALA B 15 -3.36 -0.19 -8.58
CA ALA B 15 -3.30 -0.34 -10.04
C ALA B 15 -2.21 0.60 -10.56
N ARG B 16 -1.57 0.17 -11.65
CA ARG B 16 -0.57 0.99 -12.35
C ARG B 16 -0.82 0.80 -13.85
N TYR B 17 -0.73 1.88 -14.62
CA TYR B 17 -0.87 1.87 -16.10
C TYR B 17 0.44 1.35 -16.69
N PHE B 18 0.37 0.52 -17.76
CA PHE B 18 1.58 -0.06 -18.42
C PHE B 18 2.47 1.06 -18.98
N GLY B 19 1.87 2.12 -19.52
CA GLY B 19 2.55 3.18 -20.30
C GLY B 19 1.99 3.20 -21.70
N LYS B 20 1.69 2.01 -22.22
CA LYS B 20 1.08 1.72 -23.54
C LYS B 20 0.07 0.57 -23.37
N LYS B 21 -1.07 0.63 -24.08
CA LYS B 21 -1.92 -0.57 -24.32
C LYS B 21 -0.98 -1.68 -24.81
N ARG B 22 -1.19 -2.91 -24.35
CA ARG B 22 -0.38 -4.07 -24.76
C ARG B 22 -0.95 -4.66 -26.05
N GLU B 23 -0.10 -4.72 -27.08
CA GLU B 23 -0.31 -5.42 -28.39
C GLU B 23 -1.23 -6.64 -28.19
N GLU B 24 -0.74 -7.67 -27.52
CA GLU B 24 -1.29 -9.05 -27.59
C GLU B 24 -2.78 -9.06 -27.22
N ASP B 25 -3.18 -8.38 -26.14
CA ASP B 25 -4.52 -8.59 -25.50
C ASP B 25 -5.23 -7.25 -25.18
N GLY B 26 -4.58 -6.11 -25.46
CA GLY B 26 -5.12 -4.76 -25.19
C GLY B 26 -5.16 -4.38 -23.71
N HIS B 27 -4.43 -5.10 -22.84
CA HIS B 27 -4.35 -4.77 -21.39
C HIS B 27 -3.59 -3.45 -21.25
N THR B 28 -3.98 -2.61 -20.30
CA THR B 28 -3.38 -1.27 -20.05
C THR B 28 -2.84 -1.22 -18.63
N HIS B 29 -3.32 -2.09 -17.75
CA HIS B 29 -3.00 -1.97 -16.31
C HIS B 29 -2.68 -3.34 -15.73
N GLN B 30 -1.83 -3.32 -14.70
CA GLN B 30 -1.71 -4.40 -13.71
C GLN B 30 -2.47 -3.96 -12.46
N TRP B 31 -3.18 -4.87 -11.83
CA TRP B 31 -3.87 -4.47 -10.59
C TRP B 31 -3.73 -5.56 -9.54
N THR B 32 -3.84 -5.14 -8.29
CA THR B 32 -3.87 -6.06 -7.13
C THR B 32 -5.10 -5.73 -6.30
N VAL B 33 -5.96 -6.73 -6.11
CA VAL B 33 -7.16 -6.58 -5.26
C VAL B 33 -6.81 -7.33 -3.99
N TYR B 34 -7.29 -6.89 -2.83
CA TYR B 34 -6.72 -7.37 -1.55
C TYR B 34 -7.60 -7.04 -0.37
N VAL B 35 -7.36 -7.82 0.68
CA VAL B 35 -7.88 -7.63 2.06
C VAL B 35 -6.67 -7.83 2.95
N LYS B 36 -6.49 -6.94 3.89
CA LYS B 36 -5.47 -7.14 4.92
C LYS B 36 -5.98 -6.54 6.21
N PRO B 37 -5.43 -7.03 7.33
CA PRO B 37 -5.84 -6.53 8.64
C PRO B 37 -5.23 -5.14 8.83
N TYR B 38 -5.90 -4.31 9.63
CA TYR B 38 -5.55 -2.90 9.83
C TYR B 38 -4.22 -2.86 10.58
N ARG B 39 -4.08 -3.66 11.63
CA ARG B 39 -2.83 -3.86 12.39
C ARG B 39 -2.27 -5.22 12.01
N ASN B 40 -0.95 -5.32 11.96
CA ASN B 40 -0.20 -6.49 11.47
C ASN B 40 -0.64 -7.75 12.24
N GLU B 41 -1.11 -8.78 11.53
CA GLU B 41 -1.52 -10.09 12.12
C GLU B 41 -1.69 -11.08 10.97
N ASP B 42 -1.56 -12.37 11.26
CA ASP B 42 -1.89 -13.48 10.33
C ASP B 42 -3.37 -13.83 10.52
N MET B 43 -4.22 -13.40 9.59
CA MET B 43 -5.66 -13.64 9.72
C MET B 43 -5.95 -15.14 9.53
N SER B 44 -4.98 -15.96 9.05
CA SER B 44 -5.17 -17.43 8.83
C SER B 44 -5.36 -18.12 10.20
N ALA B 45 -5.08 -17.41 11.29
CA ALA B 45 -5.46 -17.87 12.64
C ALA B 45 -6.94 -18.19 12.66
N TYR B 46 -7.78 -17.39 11.99
CA TYR B 46 -9.25 -17.47 12.20
C TYR B 46 -9.97 -17.52 10.88
N VAL B 47 -9.28 -17.13 9.82
CA VAL B 47 -9.83 -17.11 8.44
C VAL B 47 -9.48 -18.45 7.79
N LYS B 48 -10.49 -19.17 7.30
CA LYS B 48 -10.28 -20.44 6.57
C LYS B 48 -9.74 -20.14 5.15
N LYS B 49 -10.48 -19.28 4.41
CA LYS B 49 -10.13 -18.88 3.02
C LYS B 49 -10.81 -17.56 2.66
N ILE B 50 -10.22 -16.85 1.69
CA ILE B 50 -10.83 -15.62 1.13
C ILE B 50 -10.99 -15.87 -0.37
N GLN B 51 -12.22 -15.75 -0.84
CA GLN B 51 -12.55 -15.79 -2.28
C GLN B 51 -12.59 -14.38 -2.86
N PHE B 52 -12.03 -14.24 -4.06
CA PHE B 52 -12.02 -13.04 -4.93
C PHE B 52 -12.72 -13.45 -6.22
N LYS B 53 -13.99 -13.10 -6.34
CA LYS B 53 -14.79 -13.37 -7.56
C LYS B 53 -14.55 -12.23 -8.55
N LEU B 54 -13.86 -12.52 -9.64
CA LEU B 54 -13.59 -11.60 -10.76
C LEU B 54 -14.74 -11.69 -11.78
N HIS B 55 -14.74 -10.78 -12.74
CA HIS B 55 -15.59 -10.83 -13.95
C HIS B 55 -15.37 -12.19 -14.61
N GLU B 56 -16.42 -12.79 -15.14
CA GLU B 56 -16.36 -14.23 -15.54
C GLU B 56 -15.57 -14.47 -16.83
N SER B 57 -15.08 -13.42 -17.52
N SER B 57 -15.10 -13.42 -17.51
CA SER B 57 -14.29 -13.60 -18.76
CA SER B 57 -14.30 -13.56 -18.76
C SER B 57 -12.80 -13.74 -18.39
C SER B 57 -12.80 -13.67 -18.40
N TYR B 58 -12.45 -13.55 -17.12
CA TYR B 58 -11.16 -14.01 -16.55
C TYR B 58 -11.23 -15.54 -16.46
N GLY B 59 -10.13 -16.22 -16.78
CA GLY B 59 -9.90 -17.62 -16.39
C GLY B 59 -10.01 -17.80 -14.88
N ASN B 60 -10.65 -18.88 -14.43
CA ASN B 60 -10.60 -19.26 -12.99
C ASN B 60 -11.16 -18.07 -12.23
N PRO B 61 -12.33 -17.54 -12.63
CA PRO B 61 -12.82 -16.24 -12.12
C PRO B 61 -13.01 -16.25 -10.60
N LEU B 62 -13.40 -17.39 -10.01
CA LEU B 62 -13.46 -17.53 -8.53
C LEU B 62 -12.08 -17.91 -7.98
N ARG B 63 -11.21 -16.94 -7.76
CA ARG B 63 -9.88 -17.12 -7.17
C ARG B 63 -10.07 -17.41 -5.68
N VAL B 64 -9.23 -18.24 -5.11
CA VAL B 64 -9.31 -18.58 -3.67
C VAL B 64 -7.90 -18.37 -3.11
N VAL B 65 -7.79 -17.73 -1.95
CA VAL B 65 -6.49 -17.52 -1.23
C VAL B 65 -6.67 -17.99 0.22
N THR B 66 -5.70 -18.72 0.73
CA THR B 66 -5.86 -19.41 2.05
C THR B 66 -4.78 -18.97 3.02
N LYS B 67 -3.83 -18.19 2.54
CA LYS B 67 -2.60 -17.78 3.26
C LYS B 67 -2.31 -16.31 2.93
N PRO B 68 -1.94 -15.47 3.91
CA PRO B 68 -1.56 -14.11 3.58
C PRO B 68 -0.40 -14.15 2.60
N PRO B 69 -0.15 -13.12 1.75
CA PRO B 69 -1.06 -11.98 1.63
C PRO B 69 -2.32 -12.41 0.90
N TYR B 70 -3.49 -11.91 1.34
CA TYR B 70 -4.79 -12.22 0.69
C TYR B 70 -5.00 -11.21 -0.43
N GLU B 71 -4.44 -11.53 -1.59
CA GLU B 71 -4.45 -10.62 -2.76
C GLU B 71 -4.40 -11.43 -4.04
N ILE B 72 -4.99 -10.87 -5.10
CA ILE B 72 -4.96 -11.40 -6.49
C ILE B 72 -4.38 -10.28 -7.35
N THR B 73 -3.28 -10.54 -8.06
CA THR B 73 -2.71 -9.62 -9.06
C THR B 73 -3.13 -10.12 -10.44
N GLU B 74 -3.52 -9.18 -11.29
CA GLU B 74 -3.99 -9.48 -12.66
C GLU B 74 -3.63 -8.30 -13.54
N THR B 75 -3.92 -8.42 -14.82
CA THR B 75 -3.83 -7.30 -15.76
C THR B 75 -5.20 -7.20 -16.41
N GLY B 76 -5.49 -6.03 -16.96
CA GLY B 76 -6.68 -5.79 -17.77
C GLY B 76 -6.70 -4.39 -18.31
N TRP B 77 -7.89 -3.96 -18.69
CA TRP B 77 -8.20 -2.71 -19.41
C TRP B 77 -9.47 -2.10 -18.83
N GLY B 78 -10.28 -2.89 -18.10
CA GLY B 78 -11.65 -2.55 -17.68
C GLY B 78 -11.86 -2.59 -16.16
N GLU B 79 -12.91 -1.91 -15.71
CA GLU B 79 -13.28 -1.73 -14.29
C GLU B 79 -14.60 -2.45 -14.08
N PHE B 80 -14.71 -3.22 -12.99
CA PHE B 80 -15.90 -4.06 -12.69
C PHE B 80 -15.86 -4.38 -11.20
N GLU B 81 -16.97 -4.89 -10.69
CA GLU B 81 -17.10 -5.25 -9.26
C GLU B 81 -16.37 -6.56 -9.01
N ILE B 82 -15.56 -6.61 -7.95
CA ILE B 82 -15.00 -7.87 -7.39
C ILE B 82 -15.76 -8.14 -6.11
N ILE B 83 -16.23 -9.37 -5.93
CA ILE B 83 -16.80 -9.84 -4.62
C ILE B 83 -15.68 -10.52 -3.82
N ILE B 84 -15.52 -10.09 -2.57
CA ILE B 84 -14.51 -10.62 -1.61
C ILE B 84 -15.32 -11.32 -0.52
N LYS B 85 -15.19 -12.65 -0.45
CA LYS B 85 -15.89 -13.42 0.61
C LYS B 85 -14.87 -14.06 1.53
N ILE B 86 -14.99 -13.71 2.80
CA ILE B 86 -14.09 -14.12 3.91
C ILE B 86 -14.82 -15.22 4.69
N PHE B 87 -14.31 -16.45 4.62
CA PHE B 87 -14.87 -17.63 5.31
C PHE B 87 -14.04 -17.87 6.56
N PHE B 88 -14.68 -18.16 7.67
CA PHE B 88 -13.98 -18.38 8.96
C PHE B 88 -13.86 -19.88 9.26
N ILE B 89 -12.83 -20.17 10.07
CA ILE B 89 -12.47 -21.54 10.52
C ILE B 89 -13.64 -22.09 11.34
N ASP B 90 -14.25 -21.28 12.19
CA ASP B 90 -15.48 -21.68 12.94
C ASP B 90 -16.66 -21.66 11.99
N PRO B 91 -17.38 -22.79 11.79
CA PRO B 91 -18.47 -22.84 10.83
C PRO B 91 -19.77 -22.17 11.28
N ASN B 92 -19.84 -21.78 12.55
CA ASN B 92 -21.02 -21.06 13.11
C ASN B 92 -20.89 -19.56 12.82
N GLU B 93 -19.73 -19.09 12.36
CA GLU B 93 -19.49 -17.66 12.02
C GLU B 93 -19.81 -17.40 10.54
N ARG B 94 -20.81 -16.55 10.31
CA ARG B 94 -21.28 -16.15 8.95
C ARG B 94 -20.10 -15.54 8.20
N PRO B 95 -19.88 -15.94 6.92
CA PRO B 95 -18.92 -15.29 6.05
C PRO B 95 -19.17 -13.79 5.97
N VAL B 96 -18.11 -13.01 5.86
CA VAL B 96 -18.19 -11.56 5.51
C VAL B 96 -18.09 -11.42 3.98
N THR B 97 -19.08 -10.77 3.34
CA THR B 97 -19.04 -10.41 1.89
C THR B 97 -18.78 -8.92 1.73
N LEU B 98 -17.70 -8.56 1.04
CA LEU B 98 -17.36 -7.18 0.67
C LEU B 98 -17.53 -7.02 -0.85
N TYR B 99 -17.77 -5.79 -1.32
CA TYR B 99 -18.02 -5.49 -2.76
C TYR B 99 -17.15 -4.32 -3.13
N HIS B 100 -16.31 -4.51 -4.12
CA HIS B 100 -15.26 -3.52 -4.43
C HIS B 100 -15.31 -3.29 -5.91
N LEU B 101 -15.46 -2.04 -6.31
CA LEU B 101 -15.39 -1.70 -7.75
C LEU B 101 -13.93 -1.50 -8.09
N LEU B 102 -13.39 -2.37 -8.94
CA LEU B 102 -11.98 -2.23 -9.31
C LEU B 102 -11.81 -0.86 -9.96
N LYS B 103 -10.78 -0.12 -9.55
CA LYS B 103 -10.53 1.24 -10.06
C LYS B 103 -9.17 1.22 -10.74
N LEU B 104 -9.14 1.57 -12.03
CA LEU B 104 -7.89 1.66 -12.81
C LEU B 104 -7.48 3.11 -13.05
N PHE B 105 -8.39 4.10 -12.93
CA PHE B 105 -8.18 5.51 -13.38
C PHE B 105 -8.37 6.53 -12.25
N LYS B 116 -0.39 7.88 -12.79
CA LYS B 116 -0.05 6.57 -13.41
C LYS B 116 -0.56 5.38 -12.56
N THR B 117 -0.77 5.59 -11.25
CA THR B 117 -1.09 4.57 -10.23
C THR B 117 -2.39 4.95 -9.51
N VAL B 118 -3.05 4.01 -8.86
CA VAL B 118 -4.39 4.25 -8.27
C VAL B 118 -4.50 3.42 -7.01
N VAL B 119 -4.98 4.02 -5.92
CA VAL B 119 -5.28 3.30 -4.65
C VAL B 119 -6.75 3.58 -4.33
N SER B 120 -7.55 2.53 -4.25
CA SER B 120 -8.96 2.55 -3.87
C SER B 120 -9.10 1.58 -2.69
N GLU B 121 -8.98 2.11 -1.49
CA GLU B 121 -8.83 1.28 -0.27
C GLU B 121 -9.84 1.77 0.76
N PHE B 122 -10.61 0.84 1.33
CA PHE B 122 -11.67 1.17 2.31
C PHE B 122 -11.38 0.45 3.62
N TYR B 123 -11.76 1.12 4.70
CA TYR B 123 -11.63 0.62 6.08
C TYR B 123 -12.92 -0.09 6.41
N ASP B 124 -12.87 -1.21 7.14
CA ASP B 124 -14.10 -1.85 7.62
C ASP B 124 -13.76 -2.71 8.83
N GLU B 125 -14.79 -3.30 9.41
CA GLU B 125 -14.68 -3.98 10.72
C GLU B 125 -15.45 -5.30 10.61
N MET B 126 -14.78 -6.40 10.87
CA MET B 126 -15.43 -7.72 11.09
C MET B 126 -15.71 -7.85 12.59
N ILE B 127 -17.00 -7.89 12.90
CA ILE B 127 -17.53 -7.91 14.30
C ILE B 127 -17.97 -9.34 14.61
N PHE B 128 -17.34 -9.94 15.61
CA PHE B 128 -17.67 -11.27 16.17
C PHE B 128 -18.38 -11.03 17.51
N GLN B 129 -19.69 -11.22 17.56
CA GLN B 129 -20.49 -11.06 18.80
C GLN B 129 -20.69 -12.43 19.45
N ASP B 130 -20.22 -12.62 20.69
CA ASP B 130 -20.37 -13.88 21.47
C ASP B 130 -19.83 -15.07 20.66
N PRO B 131 -18.58 -15.00 20.17
CA PRO B 131 -17.95 -16.15 19.52
C PRO B 131 -17.80 -17.32 20.51
N THR B 132 -17.80 -18.55 20.00
CA THR B 132 -17.40 -19.74 20.77
C THR B 132 -16.04 -19.44 21.44
N ALA B 133 -15.78 -20.02 22.62
CA ALA B 133 -14.49 -19.88 23.34
C ALA B 133 -13.35 -20.21 22.39
N MET B 134 -13.52 -21.24 21.57
CA MET B 134 -12.50 -21.70 20.59
C MET B 134 -12.17 -20.57 19.60
N MET B 135 -13.22 -19.99 19.02
CA MET B 135 -13.06 -18.94 17.98
C MET B 135 -12.46 -17.68 18.64
N GLN B 136 -12.94 -17.36 19.84
CA GLN B 136 -12.41 -16.22 20.61
C GLN B 136 -10.89 -16.40 20.76
N GLN B 137 -10.43 -17.63 20.95
CA GLN B 137 -8.98 -17.89 21.10
C GLN B 137 -8.30 -17.70 19.74
N LEU B 138 -8.91 -18.19 18.68
CA LEU B 138 -8.33 -18.02 17.32
C LEU B 138 -8.25 -16.52 17.01
N LEU B 139 -9.20 -15.72 17.52
CA LEU B 139 -9.32 -14.28 17.22
C LEU B 139 -8.25 -13.46 17.94
N THR B 140 -7.70 -13.93 19.06
CA THR B 140 -6.97 -13.07 20.05
C THR B 140 -5.62 -13.65 20.47
N THR B 141 -5.57 -14.96 20.77
CA THR B 141 -4.35 -15.60 21.36
C THR B 141 -3.70 -16.74 20.54
N SER B 142 -4.30 -17.25 19.46
CA SER B 142 -3.66 -18.38 18.71
C SER B 142 -2.22 -18.02 18.29
N ARG B 143 -1.26 -18.95 18.40
CA ARG B 143 0.09 -18.58 17.90
C ARG B 143 0.04 -18.48 16.37
N GLN B 144 -1.06 -18.91 15.73
CA GLN B 144 -1.25 -18.80 14.25
C GLN B 144 -1.26 -17.30 13.83
N LEU B 145 -1.52 -16.37 14.77
CA LEU B 145 -1.70 -14.90 14.53
C LEU B 145 -0.36 -14.19 14.24
N THR B 146 0.79 -14.74 14.68
CA THR B 146 2.16 -14.23 14.34
C THR B 146 2.33 -14.10 12.82
#